data_8K4K
#
_entry.id   8K4K
#
_cell.length_a   82.143
_cell.length_b   117.304
_cell.length_c   41.559
_cell.angle_alpha   90.00
_cell.angle_beta   90.00
_cell.angle_gamma   90.00
#
_symmetry.space_group_name_H-M   'P 21 21 2'
#
loop_
_entity.id
_entity.type
_entity.pdbx_description
1 polymer 'Flavin reductase (NADPH)'
2 non-polymer GLYCEROL
3 non-polymer 'SULFATE ION'
4 non-polymer 'NADP NICOTINAMIDE-ADENINE-DINUCLEOTIDE PHOSPHATE'
5 non-polymer '5-[(E)-2-(3-carboxy-4-oxidanyl-phenyl)ethenyl]-2-oxidanyl-benzoic acid'
6 water water
#
_entity_poly.entity_id   1
_entity_poly.type   'polypeptide(L)'
_entity_poly.pdbx_seq_one_letter_code
;MAVKKIAIFGATGQTGLTTLAQAVQAGYEVTVLVRDSSRLPSEGPRPAHVVVGDVLQAADVDKTVAGQDAVIVLLGTRND
LSPTTVMSEGARNIVAAMKAHGVDKVVACTSAFLLWDPTKVPPRLQAVTDDHIRMHKVLRESGLKYVAVMPPHIGDQPLT
GAYTVTLDGRGPSRVISKHDLGHFMLRCLTTDEYDGHSTYPSHQYQ
;
_entity_poly.pdbx_strand_id   A,B
#
loop_
_chem_comp.id
_chem_comp.type
_chem_comp.name
_chem_comp.formula
GOL non-polymer GLYCEROL 'C3 H8 O3'
NAP non-polymer 'NADP NICOTINAMIDE-ADENINE-DINUCLEOTIDE PHOSPHATE' 'C21 H28 N7 O17 P3'
SO4 non-polymer 'SULFATE ION' 'O4 S -2'
VE2 non-polymer '5-[(E)-2-(3-carboxy-4-oxidanyl-phenyl)ethenyl]-2-oxidanyl-benzoic acid' 'C16 H12 O6'
#
# COMPACT_ATOMS: atom_id res chain seq x y z
N MET A 1 -25.40 -13.68 20.92
CA MET A 1 -24.55 -13.21 19.84
C MET A 1 -23.11 -13.00 20.30
N ALA A 2 -22.21 -13.83 19.75
CA ALA A 2 -20.78 -13.64 20.01
C ALA A 2 -20.30 -12.31 19.44
N VAL A 3 -20.74 -11.96 18.24
CA VAL A 3 -20.52 -10.63 17.69
C VAL A 3 -21.83 -9.87 17.81
N LYS A 4 -21.82 -8.79 18.60
CA LYS A 4 -23.03 -7.98 18.75
C LYS A 4 -22.79 -6.50 18.45
N LYS A 5 -21.66 -5.93 18.87
CA LYS A 5 -21.33 -4.54 18.60
C LYS A 5 -20.40 -4.50 17.39
N ILE A 6 -20.81 -3.78 16.34
CA ILE A 6 -19.98 -3.67 15.14
C ILE A 6 -19.90 -2.20 14.72
N ALA A 7 -18.75 -1.84 14.18
CA ALA A 7 -18.58 -0.56 13.49
C ALA A 7 -18.74 -0.79 11.99
N ILE A 8 -19.50 0.07 11.33
CA ILE A 8 -19.59 0.06 9.88
C ILE A 8 -18.99 1.37 9.38
N PHE A 9 -17.98 1.26 8.53
CA PHE A 9 -17.43 2.37 7.78
C PHE A 9 -18.07 2.38 6.40
N GLY A 10 -18.54 3.55 5.98
CA GLY A 10 -19.26 3.65 4.72
C GLY A 10 -20.73 3.31 4.79
N ALA A 11 -21.36 3.51 5.96
CA ALA A 11 -22.76 3.11 6.10
C ALA A 11 -23.72 3.94 5.24
N THR A 12 -23.36 5.18 4.87
CA THR A 12 -24.24 6.00 4.04
C THR A 12 -24.16 5.64 2.56
N GLY A 13 -23.29 4.71 2.16
CA GLY A 13 -23.08 4.41 0.76
C GLY A 13 -24.06 3.38 0.23
N GLN A 14 -23.90 3.04 -1.06
CA GLN A 14 -24.85 2.16 -1.72
C GLN A 14 -25.01 0.84 -0.98
N THR A 15 -23.89 0.19 -0.69
CA THR A 15 -23.96 -1.08 0.03
C THR A 15 -24.10 -0.85 1.52
N GLY A 16 -23.49 0.22 2.05
CA GLY A 16 -23.55 0.45 3.48
C GLY A 16 -24.98 0.62 3.99
N LEU A 17 -25.85 1.27 3.21
CA LEU A 17 -27.21 1.55 3.67
C LEU A 17 -27.99 0.27 3.88
N THR A 18 -27.91 -0.66 2.94
CA THR A 18 -28.64 -1.90 3.12
C THR A 18 -27.95 -2.80 4.13
N THR A 19 -26.62 -2.72 4.25
CA THR A 19 -25.92 -3.47 5.29
C THR A 19 -26.36 -2.98 6.67
N LEU A 20 -26.45 -1.66 6.85
CA LEU A 20 -26.93 -1.10 8.10
C LEU A 20 -28.34 -1.56 8.40
N ALA A 21 -29.24 -1.49 7.40
CA ALA A 21 -30.62 -1.91 7.61
C ALA A 21 -30.70 -3.37 8.02
N GLN A 22 -29.96 -4.24 7.32
CA GLN A 22 -29.95 -5.65 7.68
C GLN A 22 -29.35 -5.88 9.06
N ALA A 23 -28.28 -5.14 9.40
CA ALA A 23 -27.63 -5.36 10.70
C ALA A 23 -28.54 -4.98 11.85
N VAL A 24 -29.25 -3.86 11.71
CA VAL A 24 -30.16 -3.44 12.78
C VAL A 24 -31.30 -4.45 12.91
N GLN A 25 -31.83 -4.94 11.79
CA GLN A 25 -32.91 -5.94 11.86
C GLN A 25 -32.44 -7.23 12.53
N ALA A 26 -31.22 -7.65 12.25
CA ALA A 26 -30.63 -8.84 12.83
C ALA A 26 -30.26 -8.68 14.31
N GLY A 27 -30.40 -7.50 14.89
CA GLY A 27 -30.12 -7.32 16.31
C GLY A 27 -28.75 -6.77 16.64
N TYR A 28 -27.97 -6.38 15.65
CA TYR A 28 -26.66 -5.80 15.95
C TYR A 28 -26.79 -4.41 16.56
N GLU A 29 -25.84 -4.10 17.44
CA GLU A 29 -25.65 -2.77 18.01
C GLU A 29 -24.58 -2.09 17.16
N VAL A 30 -24.99 -1.20 16.28
CA VAL A 30 -24.14 -0.69 15.20
C VAL A 30 -23.69 0.70 15.53
N THR A 31 -22.39 0.94 15.37
CA THR A 31 -21.79 2.27 15.42
C THR A 31 -21.37 2.62 13.99
N VAL A 32 -21.71 3.82 13.55
CA VAL A 32 -21.30 4.26 12.22
C VAL A 32 -20.41 5.49 12.37
N LEU A 33 -19.50 5.65 11.41
CA LEU A 33 -18.73 6.88 11.23
C LEU A 33 -19.28 7.57 10.00
N VAL A 34 -19.78 8.80 10.16
CA VAL A 34 -20.35 9.52 9.02
C VAL A 34 -19.68 10.88 8.92
N ARG A 35 -19.47 11.34 7.68
CA ARG A 35 -18.92 12.67 7.48
C ARG A 35 -19.99 13.71 7.79
N ASP A 36 -19.55 14.88 8.25
CA ASP A 36 -20.50 15.85 8.80
C ASP A 36 -21.56 16.23 7.78
N SER A 37 -21.18 16.36 6.51
CA SER A 37 -22.10 16.81 5.47
C SER A 37 -23.04 15.72 4.97
N SER A 38 -22.77 14.46 5.32
CA SER A 38 -23.51 13.33 4.75
C SER A 38 -23.93 12.39 5.87
N ARG A 39 -25.01 12.75 6.56
CA ARG A 39 -25.56 11.94 7.62
C ARG A 39 -26.50 10.89 7.05
N LEU A 40 -26.87 9.92 7.88
CA LEU A 40 -27.82 8.91 7.47
C LEU A 40 -29.19 9.53 7.21
N PRO A 41 -29.93 9.05 6.20
CA PRO A 41 -31.27 9.58 5.96
C PRO A 41 -32.15 9.44 7.20
N SER A 42 -32.99 10.45 7.42
CA SER A 42 -33.76 10.51 8.66
C SER A 42 -34.81 9.41 8.73
N GLU A 43 -35.26 8.93 7.58
CA GLU A 43 -36.34 7.95 7.55
C GLU A 43 -35.84 6.54 7.81
N GLY A 44 -34.56 6.26 7.50
CA GLY A 44 -34.05 4.92 7.52
C GLY A 44 -33.83 4.41 8.93
N PRO A 45 -33.34 3.17 9.03
CA PRO A 45 -33.07 2.60 10.34
C PRO A 45 -32.00 3.39 11.08
N ARG A 46 -32.11 3.40 12.41
CA ARG A 46 -31.21 4.15 13.28
C ARG A 46 -30.12 3.23 13.83
N PRO A 47 -28.85 3.56 13.68
CA PRO A 47 -27.81 2.82 14.40
C PRO A 47 -27.87 3.14 15.88
N ALA A 48 -27.15 2.33 16.65
CA ALA A 48 -27.04 2.55 18.10
C ALA A 48 -26.21 3.78 18.43
N HIS A 49 -25.14 4.02 17.66
CA HIS A 49 -24.18 5.08 17.96
C HIS A 49 -23.71 5.73 16.66
N VAL A 50 -23.57 7.05 16.69
CA VAL A 50 -23.09 7.80 15.53
C VAL A 50 -21.85 8.59 15.93
N VAL A 51 -20.77 8.39 15.20
CA VAL A 51 -19.58 9.22 15.30
C VAL A 51 -19.54 10.08 14.04
N VAL A 52 -19.41 11.40 14.22
CA VAL A 52 -19.29 12.32 13.10
C VAL A 52 -17.83 12.67 12.93
N GLY A 53 -17.30 12.40 11.74
CA GLY A 53 -15.89 12.66 11.50
C GLY A 53 -15.47 12.10 10.16
N ASP A 54 -14.19 11.74 10.08
CA ASP A 54 -13.59 11.35 8.81
C ASP A 54 -12.68 10.17 9.04
N VAL A 55 -12.75 9.17 8.14
CA VAL A 55 -11.86 8.02 8.27
C VAL A 55 -10.39 8.39 8.12
N LEU A 56 -10.08 9.57 7.61
CA LEU A 56 -8.71 10.05 7.49
C LEU A 56 -8.20 10.68 8.79
N GLN A 57 -9.03 10.78 9.82
CA GLN A 57 -8.59 11.27 11.13
C GLN A 57 -8.50 10.08 12.08
N ALA A 58 -7.27 9.76 12.51
CA ALA A 58 -7.08 8.66 13.46
C ALA A 58 -7.98 8.80 14.67
N ALA A 59 -8.18 10.04 15.17
CA ALA A 59 -9.00 10.22 16.37
C ALA A 59 -10.43 9.77 16.11
N ASP A 60 -10.94 10.03 14.91
CA ASP A 60 -12.33 9.70 14.65
C ASP A 60 -12.49 8.21 14.49
N VAL A 61 -11.51 7.57 13.86
CA VAL A 61 -11.55 6.12 13.67
C VAL A 61 -11.41 5.43 15.01
N ASP A 62 -10.51 5.93 15.86
CA ASP A 62 -10.36 5.37 17.21
CA ASP A 62 -10.37 5.36 17.21
C ASP A 62 -11.70 5.40 17.96
N LYS A 63 -12.40 6.54 17.90
CA LYS A 63 -13.70 6.65 18.58
C LYS A 63 -14.71 5.66 18.05
N THR A 64 -14.60 5.30 16.77
CA THR A 64 -15.56 4.41 16.13
C THR A 64 -15.27 2.96 16.44
N VAL A 65 -13.99 2.62 16.55
CA VAL A 65 -13.58 1.22 16.72
C VAL A 65 -13.60 0.79 18.19
N ALA A 66 -13.41 1.73 19.12
CA ALA A 66 -13.39 1.39 20.54
C ALA A 66 -14.63 0.62 20.96
N GLY A 67 -14.41 -0.50 21.66
CA GLY A 67 -15.51 -1.25 22.25
C GLY A 67 -16.27 -2.16 21.31
N GLN A 68 -15.87 -2.28 20.05
CA GLN A 68 -16.58 -3.12 19.10
C GLN A 68 -16.10 -4.56 19.18
N ASP A 69 -16.93 -5.46 18.63
CA ASP A 69 -16.56 -6.85 18.40
C ASP A 69 -15.94 -7.10 17.04
N ALA A 70 -16.26 -6.27 16.04
CA ALA A 70 -15.82 -6.49 14.67
C ALA A 70 -16.06 -5.20 13.88
N VAL A 71 -15.44 -5.14 12.70
CA VAL A 71 -15.49 -3.99 11.82
C VAL A 71 -15.88 -4.43 10.42
N ILE A 72 -16.83 -3.70 9.82
CA ILE A 72 -17.19 -3.86 8.42
C ILE A 72 -16.75 -2.61 7.67
N VAL A 73 -16.06 -2.79 6.54
CA VAL A 73 -15.55 -1.63 5.76
C VAL A 73 -16.17 -1.65 4.38
N LEU A 74 -16.97 -0.60 4.08
CA LEU A 74 -17.64 -0.35 2.81
C LEU A 74 -17.34 1.06 2.34
N LEU A 75 -16.09 1.49 2.53
CA LEU A 75 -15.62 2.78 2.02
C LEU A 75 -15.53 2.76 0.51
N GLY A 76 -15.67 3.94 -0.09
CA GLY A 76 -15.59 4.10 -1.52
C GLY A 76 -15.65 5.57 -1.84
N THR A 77 -15.64 5.87 -3.15
CA THR A 77 -15.60 7.26 -3.59
C THR A 77 -16.82 7.62 -4.43
N ARG A 78 -17.92 6.88 -4.26
CA ARG A 78 -19.20 7.07 -4.99
C ARG A 78 -18.90 7.10 -6.49
N ASN A 79 -19.38 8.10 -7.22
CA ASN A 79 -19.20 8.06 -8.66
C ASN A 79 -17.82 8.55 -9.12
N ASP A 80 -16.92 8.88 -8.21
CA ASP A 80 -15.73 9.63 -8.57
C ASP A 80 -14.59 8.63 -8.78
N LEU A 81 -14.04 8.61 -10.00
CA LEU A 81 -13.02 7.66 -10.38
C LEU A 81 -11.61 8.24 -10.30
N SER A 82 -11.44 9.41 -9.68
CA SER A 82 -10.14 10.06 -9.64
C SER A 82 -9.16 9.31 -8.73
N PRO A 83 -7.86 9.49 -8.95
CA PRO A 83 -6.85 8.96 -8.01
C PRO A 83 -7.16 9.35 -6.58
N THR A 84 -6.99 8.39 -5.67
CA THR A 84 -7.36 8.60 -4.28
C THR A 84 -6.56 7.62 -3.42
N THR A 85 -6.42 8.01 -2.15
CA THR A 85 -5.90 7.11 -1.12
C THR A 85 -6.88 6.99 0.06
N VAL A 86 -8.12 7.43 -0.10
CA VAL A 86 -9.02 7.45 1.05
C VAL A 86 -9.26 6.04 1.57
N MET A 87 -9.34 5.03 0.68
CA MET A 87 -9.60 3.69 1.20
C MET A 87 -8.38 3.10 1.89
N SER A 88 -7.20 3.27 1.29
CA SER A 88 -6.01 2.67 1.88
C SER A 88 -5.60 3.40 3.15
N GLU A 89 -5.66 4.74 3.16
CA GLU A 89 -5.32 5.47 4.37
C GLU A 89 -6.36 5.25 5.45
N GLY A 90 -7.63 5.16 5.06
CA GLY A 90 -8.67 4.80 6.02
C GLY A 90 -8.40 3.45 6.64
N ALA A 91 -8.02 2.47 5.80
CA ALA A 91 -7.67 1.15 6.31
C ALA A 91 -6.48 1.20 7.28
N ARG A 92 -5.48 2.03 6.98
CA ARG A 92 -4.37 2.19 7.91
C ARG A 92 -4.85 2.65 9.28
N ASN A 93 -5.74 3.64 9.31
CA ASN A 93 -6.25 4.12 10.59
C ASN A 93 -7.09 3.04 11.28
N ILE A 94 -7.87 2.29 10.50
CA ILE A 94 -8.72 1.26 11.08
C ILE A 94 -7.86 0.16 11.71
N VAL A 95 -6.81 -0.27 11.00
CA VAL A 95 -5.90 -1.29 11.52
C VAL A 95 -5.28 -0.82 12.84
N ALA A 96 -4.76 0.42 12.85
CA ALA A 96 -4.13 0.90 14.07
C ALA A 96 -5.13 0.94 15.22
N ALA A 97 -6.37 1.33 14.95
CA ALA A 97 -7.38 1.40 16.00
C ALA A 97 -7.78 0.01 16.48
N MET A 98 -7.96 -0.93 15.55
CA MET A 98 -8.27 -2.29 15.99
C MET A 98 -7.17 -2.87 16.87
N LYS A 99 -5.91 -2.66 16.49
CA LYS A 99 -4.82 -3.18 17.32
C LYS A 99 -4.81 -2.53 18.69
N ALA A 100 -5.04 -1.22 18.74
CA ALA A 100 -5.01 -0.51 20.01
C ALA A 100 -6.15 -0.94 20.92
N HIS A 101 -7.27 -1.35 20.34
CA HIS A 101 -8.48 -1.64 21.11
C HIS A 101 -8.79 -3.11 21.23
N GLY A 102 -7.92 -3.98 20.71
CA GLY A 102 -8.13 -5.40 20.86
C GLY A 102 -9.25 -5.95 20.01
N VAL A 103 -9.55 -5.33 18.87
CA VAL A 103 -10.50 -5.87 17.91
C VAL A 103 -9.73 -6.63 16.84
N ASP A 104 -10.20 -7.84 16.48
CA ASP A 104 -9.47 -8.67 15.54
C ASP A 104 -10.15 -8.85 14.20
N LYS A 105 -11.47 -8.85 14.15
CA LYS A 105 -12.21 -9.23 12.95
C LYS A 105 -12.52 -8.00 12.10
N VAL A 106 -12.05 -8.00 10.86
CA VAL A 106 -12.37 -6.94 9.90
C VAL A 106 -12.78 -7.58 8.58
N VAL A 107 -13.96 -7.20 8.09
CA VAL A 107 -14.52 -7.66 6.83
C VAL A 107 -14.56 -6.42 5.93
N ALA A 108 -13.76 -6.42 4.87
CA ALA A 108 -13.52 -5.19 4.11
C ALA A 108 -13.70 -5.45 2.62
N CYS A 109 -14.40 -4.53 1.97
CA CYS A 109 -14.76 -4.66 0.55
C CYS A 109 -13.74 -3.91 -0.29
N THR A 110 -13.09 -4.62 -1.21
CA THR A 110 -12.30 -4.00 -2.27
C THR A 110 -13.02 -4.29 -3.57
N SER A 111 -12.53 -5.21 -4.41
CA SER A 111 -13.08 -5.40 -5.74
C SER A 111 -12.54 -6.68 -6.37
N ALA A 112 -13.38 -7.32 -7.19
CA ALA A 112 -12.95 -8.49 -7.93
C ALA A 112 -11.81 -8.20 -8.89
N PHE A 113 -11.56 -6.93 -9.22
CA PHE A 113 -10.43 -6.62 -10.09
C PHE A 113 -9.10 -7.05 -9.47
N LEU A 114 -9.05 -7.23 -8.15
CA LEU A 114 -7.84 -7.74 -7.52
C LEU A 114 -7.61 -9.21 -7.87
N LEU A 115 -8.60 -9.89 -8.44
CA LEU A 115 -8.45 -11.25 -8.93
C LEU A 115 -8.36 -11.31 -10.45
N TRP A 116 -8.34 -10.17 -11.12
CA TRP A 116 -8.26 -10.12 -12.57
C TRP A 116 -6.80 -10.09 -13.02
N ASP A 117 -6.58 -10.47 -14.26
CA ASP A 117 -5.33 -10.14 -14.94
C ASP A 117 -5.26 -8.61 -15.06
N PRO A 118 -4.22 -7.97 -14.54
CA PRO A 118 -4.15 -6.50 -14.58
C PRO A 118 -4.30 -5.89 -15.96
N THR A 119 -3.84 -6.56 -17.01
CA THR A 119 -3.98 -6.02 -18.36
C THR A 119 -5.42 -5.93 -18.83
N LYS A 120 -6.37 -6.53 -18.10
CA LYS A 120 -7.78 -6.46 -18.49
C LYS A 120 -8.61 -5.52 -17.63
N VAL A 121 -8.07 -4.97 -16.55
CA VAL A 121 -8.82 -4.01 -15.74
C VAL A 121 -9.12 -2.79 -16.59
N PRO A 122 -10.37 -2.34 -16.68
CA PRO A 122 -10.68 -1.17 -17.51
C PRO A 122 -9.89 0.04 -17.04
N PRO A 123 -9.23 0.77 -17.95
CA PRO A 123 -8.39 1.90 -17.52
C PRO A 123 -9.16 2.95 -16.72
N ARG A 124 -10.45 3.14 -16.99
CA ARG A 124 -11.22 4.13 -16.24
C ARG A 124 -11.29 3.79 -14.76
N LEU A 125 -11.14 2.51 -14.41
CA LEU A 125 -11.24 2.06 -13.03
C LEU A 125 -9.87 1.77 -12.42
N GLN A 126 -8.79 2.07 -13.13
CA GLN A 126 -7.47 1.71 -12.63
C GLN A 126 -7.07 2.51 -11.39
N ALA A 127 -7.44 3.80 -11.35
CA ALA A 127 -7.05 4.62 -10.21
C ALA A 127 -7.72 4.15 -8.93
N VAL A 128 -9.01 3.82 -9.01
CA VAL A 128 -9.69 3.30 -7.83
C VAL A 128 -9.16 1.91 -7.48
N THR A 129 -8.94 1.07 -8.50
CA THR A 129 -8.38 -0.26 -8.26
C THR A 129 -7.01 -0.18 -7.61
N ASP A 130 -6.20 0.82 -8.01
CA ASP A 130 -4.89 1.00 -7.37
C ASP A 130 -5.03 1.22 -5.88
N ASP A 131 -6.05 1.97 -5.46
CA ASP A 131 -6.19 2.15 -4.02
C ASP A 131 -6.80 0.93 -3.33
N HIS A 132 -7.67 0.18 -4.02
CA HIS A 132 -8.10 -1.11 -3.48
C HIS A 132 -6.91 -2.04 -3.24
N ILE A 133 -5.98 -2.09 -4.20
CA ILE A 133 -4.76 -2.89 -4.04
C ILE A 133 -3.97 -2.42 -2.82
N ARG A 134 -3.78 -1.09 -2.68
CA ARG A 134 -3.10 -0.56 -1.51
C ARG A 134 -3.85 -0.94 -0.23
N MET A 135 -5.17 -0.78 -0.23
CA MET A 135 -6.00 -1.18 0.91
C MET A 135 -5.78 -2.64 1.28
N HIS A 136 -5.91 -3.52 0.29
CA HIS A 136 -5.81 -4.95 0.56
C HIS A 136 -4.45 -5.30 1.17
N LYS A 137 -3.39 -4.65 0.69
CA LYS A 137 -2.06 -4.91 1.25
C LYS A 137 -2.00 -4.49 2.72
N VAL A 138 -2.54 -3.30 3.05
CA VAL A 138 -2.59 -2.84 4.43
C VAL A 138 -3.29 -3.87 5.32
N LEU A 139 -4.44 -4.37 4.86
CA LEU A 139 -5.19 -5.30 5.70
C LEU A 139 -4.54 -6.67 5.77
N ARG A 140 -3.97 -7.15 4.65
CA ARG A 140 -3.28 -8.44 4.66
C ARG A 140 -2.07 -8.43 5.58
N GLU A 141 -1.31 -7.33 5.56
CA GLU A 141 -0.10 -7.21 6.36
C GLU A 141 -0.37 -6.96 7.84
N SER A 142 -1.61 -6.63 8.20
CA SER A 142 -1.93 -6.26 9.58
C SER A 142 -1.85 -7.43 10.55
N GLY A 143 -2.02 -8.65 10.06
CA GLY A 143 -2.11 -9.79 10.97
C GLY A 143 -3.47 -9.97 11.59
N LEU A 144 -4.42 -9.07 11.33
CA LEU A 144 -5.77 -9.20 11.87
C LEU A 144 -6.52 -10.30 11.13
N LYS A 145 -7.66 -10.69 11.72
CA LYS A 145 -8.55 -11.68 11.10
C LYS A 145 -9.34 -10.94 10.03
N TYR A 146 -8.82 -10.99 8.81
CA TYR A 146 -9.26 -10.15 7.70
C TYR A 146 -9.97 -11.01 6.66
N VAL A 147 -11.23 -10.69 6.37
CA VAL A 147 -11.94 -11.29 5.25
C VAL A 147 -11.94 -10.29 4.11
N ALA A 148 -11.28 -10.64 3.00
CA ALA A 148 -11.19 -9.75 1.85
C ALA A 148 -12.35 -10.05 0.91
N VAL A 149 -13.32 -9.14 0.88
CA VAL A 149 -14.50 -9.29 0.03
C VAL A 149 -14.23 -8.56 -1.28
N MET A 150 -14.27 -9.30 -2.40
CA MET A 150 -13.89 -8.78 -3.71
C MET A 150 -15.05 -8.98 -4.68
N PRO A 151 -16.03 -8.07 -4.68
CA PRO A 151 -17.22 -8.29 -5.49
C PRO A 151 -17.02 -7.84 -6.92
N PRO A 152 -17.78 -8.40 -7.83
CA PRO A 152 -17.86 -7.87 -9.19
C PRO A 152 -18.88 -6.75 -9.21
N HIS A 153 -19.63 -6.57 -10.29
CA HIS A 153 -20.54 -5.43 -10.38
C HIS A 153 -21.57 -5.49 -9.25
N ILE A 154 -21.79 -4.36 -8.58
CA ILE A 154 -22.79 -4.27 -7.52
C ILE A 154 -24.08 -3.74 -8.13
N GLY A 155 -25.13 -4.56 -8.08
CA GLY A 155 -26.39 -4.24 -8.71
C GLY A 155 -27.51 -3.93 -7.72
N ASP A 156 -28.69 -3.71 -8.28
CA ASP A 156 -29.86 -3.34 -7.49
C ASP A 156 -30.86 -4.48 -7.34
N GLN A 157 -30.45 -5.71 -7.65
CA GLN A 157 -31.33 -6.86 -7.56
C GLN A 157 -31.64 -7.17 -6.09
N PRO A 158 -32.54 -8.13 -5.82
CA PRO A 158 -33.02 -8.33 -4.44
C PRO A 158 -31.99 -8.97 -3.52
N LEU A 159 -32.31 -8.90 -2.23
CA LEU A 159 -31.72 -9.79 -1.23
C LEU A 159 -32.22 -11.20 -1.48
N THR A 160 -31.29 -12.15 -1.65
CA THR A 160 -31.67 -13.55 -1.79
C THR A 160 -31.04 -14.46 -0.73
N GLY A 161 -29.85 -14.13 -0.24
CA GLY A 161 -29.12 -15.04 0.62
C GLY A 161 -28.70 -16.32 -0.08
N ALA A 162 -28.84 -16.37 -1.40
CA ALA A 162 -28.64 -17.59 -2.18
C ALA A 162 -27.43 -17.50 -3.10
N TYR A 163 -26.59 -16.49 -2.91
CA TYR A 163 -25.48 -16.22 -3.80
C TYR A 163 -24.36 -17.26 -3.59
N THR A 164 -23.50 -17.37 -4.61
CA THR A 164 -22.31 -18.20 -4.54
C THR A 164 -21.19 -17.41 -3.87
N VAL A 165 -20.36 -18.09 -3.07
CA VAL A 165 -19.17 -17.47 -2.49
C VAL A 165 -17.99 -18.25 -3.02
N THR A 166 -17.18 -17.62 -3.85
CA THR A 166 -16.02 -18.28 -4.44
C THR A 166 -14.76 -17.86 -3.68
N LEU A 167 -13.99 -18.85 -3.23
CA LEU A 167 -12.80 -18.58 -2.42
C LEU A 167 -11.58 -18.49 -3.32
N ASP A 168 -10.83 -17.40 -3.16
CA ASP A 168 -9.50 -17.26 -3.74
C ASP A 168 -9.52 -17.43 -5.27
N GLY A 169 -10.55 -16.86 -5.91
CA GLY A 169 -10.63 -16.85 -7.36
C GLY A 169 -11.92 -16.20 -7.82
N ARG A 170 -12.01 -15.98 -9.14
CA ARG A 170 -13.21 -15.38 -9.70
C ARG A 170 -14.35 -16.39 -9.72
N GLY A 171 -15.56 -15.91 -9.44
CA GLY A 171 -16.74 -16.75 -9.41
C GLY A 171 -17.46 -16.86 -10.75
N PRO A 172 -18.57 -17.60 -10.78
CA PRO A 172 -19.22 -17.92 -12.05
C PRO A 172 -20.19 -16.87 -12.58
N SER A 173 -20.49 -15.82 -11.83
CA SER A 173 -21.33 -14.73 -12.30
C SER A 173 -20.60 -13.43 -12.11
N ARG A 174 -21.09 -12.38 -12.79
CA ARG A 174 -20.40 -11.10 -12.79
C ARG A 174 -21.16 -10.00 -12.05
N VAL A 175 -22.18 -10.36 -11.27
CA VAL A 175 -22.95 -9.39 -10.51
C VAL A 175 -23.22 -9.94 -9.12
N ILE A 176 -23.32 -9.03 -8.15
CA ILE A 176 -23.88 -9.31 -6.84
C ILE A 176 -24.78 -8.14 -6.49
N SER A 177 -25.97 -8.42 -5.95
CA SER A 177 -26.80 -7.30 -5.55
C SER A 177 -26.19 -6.61 -4.33
N LYS A 178 -26.43 -5.29 -4.21
CA LYS A 178 -25.96 -4.60 -3.02
C LYS A 178 -26.52 -5.21 -1.75
N HIS A 179 -27.76 -5.70 -1.79
CA HIS A 179 -28.37 -6.32 -0.63
C HIS A 179 -27.68 -7.64 -0.29
N ASP A 180 -27.40 -8.45 -1.31
CA ASP A 180 -26.69 -9.71 -1.06
C ASP A 180 -25.26 -9.46 -0.60
N LEU A 181 -24.59 -8.44 -1.15
CA LEU A 181 -23.24 -8.13 -0.68
C LEU A 181 -23.25 -7.73 0.79
N GLY A 182 -24.22 -6.92 1.21
CA GLY A 182 -24.34 -6.61 2.63
C GLY A 182 -24.65 -7.82 3.48
N HIS A 183 -25.54 -8.68 3.00
CA HIS A 183 -25.82 -9.94 3.67
C HIS A 183 -24.55 -10.75 3.88
N PHE A 184 -23.69 -10.79 2.86
CA PHE A 184 -22.47 -11.57 2.97
C PHE A 184 -21.51 -10.92 3.97
N MET A 185 -21.35 -9.59 3.92
CA MET A 185 -20.49 -8.97 4.93
C MET A 185 -20.90 -9.35 6.34
N LEU A 186 -22.20 -9.40 6.61
CA LEU A 186 -22.67 -9.75 7.94
C LEU A 186 -22.51 -11.24 8.20
N ARG A 187 -22.70 -12.09 7.19
CA ARG A 187 -22.45 -13.52 7.35
C ARG A 187 -21.01 -13.77 7.81
N CYS A 188 -20.06 -12.98 7.29
CA CYS A 188 -18.67 -13.18 7.65
C CYS A 188 -18.40 -12.92 9.12
N LEU A 189 -19.32 -12.26 9.83
CA LEU A 189 -19.16 -12.03 11.27
C LEU A 189 -19.42 -13.27 12.10
N THR A 190 -20.12 -14.25 11.52
CA THR A 190 -20.61 -15.39 12.29
C THR A 190 -19.80 -16.64 12.05
N THR A 191 -18.70 -16.54 11.31
CA THR A 191 -17.89 -17.71 10.99
C THR A 191 -16.44 -17.28 10.81
N ASP A 192 -15.52 -18.20 11.05
CA ASP A 192 -14.10 -17.95 10.78
CA ASP A 192 -14.10 -17.97 10.80
C ASP A 192 -13.64 -18.54 9.46
N GLU A 193 -14.53 -19.18 8.71
CA GLU A 193 -14.10 -19.95 7.56
C GLU A 193 -13.53 -19.12 6.42
N TYR A 194 -13.83 -17.81 6.37
CA TYR A 194 -13.28 -16.96 5.32
C TYR A 194 -12.09 -16.13 5.77
N ASP A 195 -11.71 -16.19 7.05
CA ASP A 195 -10.56 -15.43 7.54
C ASP A 195 -9.30 -15.80 6.73
N GLY A 196 -8.61 -14.77 6.25
CA GLY A 196 -7.39 -14.97 5.50
C GLY A 196 -7.59 -15.33 4.05
N HIS A 197 -8.82 -15.36 3.57
CA HIS A 197 -9.13 -15.69 2.19
C HIS A 197 -9.64 -14.45 1.47
N SER A 198 -9.55 -14.49 0.15
CA SER A 198 -10.36 -13.60 -0.68
C SER A 198 -11.66 -14.30 -1.01
N THR A 199 -12.74 -13.53 -1.02
CA THR A 199 -14.08 -14.05 -1.26
C THR A 199 -14.74 -13.26 -2.39
N TYR A 200 -15.32 -13.97 -3.35
CA TYR A 200 -15.96 -13.32 -4.50
C TYR A 200 -17.42 -13.75 -4.44
N PRO A 201 -18.33 -12.89 -3.97
CA PRO A 201 -19.76 -13.24 -3.97
C PRO A 201 -20.37 -12.88 -5.31
N SER A 202 -21.18 -13.80 -5.84
CA SER A 202 -21.87 -13.49 -7.09
C SER A 202 -23.14 -14.31 -7.17
N HIS A 203 -24.05 -13.86 -8.03
CA HIS A 203 -25.32 -14.56 -8.15
C HIS A 203 -25.92 -14.31 -9.52
N GLN A 204 -26.82 -15.22 -9.91
CA GLN A 204 -27.67 -15.05 -11.08
C GLN A 204 -29.06 -14.75 -10.58
N TYR A 205 -29.58 -13.56 -10.86
CA TYR A 205 -30.87 -13.14 -10.33
C TYR A 205 -31.96 -13.54 -11.32
N GLN A 206 -32.85 -14.41 -10.88
CA GLN A 206 -33.85 -15.02 -11.75
C GLN A 206 -35.02 -15.59 -10.96
N MET B 1 34.66 -1.00 -12.52
CA MET B 1 33.41 -1.71 -12.72
C MET B 1 33.04 -2.52 -11.48
N ALA B 2 33.95 -3.40 -11.05
CA ALA B 2 33.66 -4.37 -10.00
C ALA B 2 33.20 -3.68 -8.72
N VAL B 3 31.90 -3.70 -8.47
CA VAL B 3 31.31 -3.15 -7.26
C VAL B 3 31.35 -4.22 -6.18
N LYS B 4 32.03 -3.93 -5.08
CA LYS B 4 32.05 -4.83 -3.91
C LYS B 4 31.48 -4.19 -2.66
N LYS B 5 31.75 -2.91 -2.42
CA LYS B 5 31.25 -2.20 -1.25
C LYS B 5 30.14 -1.23 -1.66
N ILE B 6 29.00 -1.33 -1.01
CA ILE B 6 27.89 -0.42 -1.28
C ILE B 6 27.37 0.14 0.04
N ALA B 7 26.87 1.36 -0.04
CA ALA B 7 26.03 1.94 0.99
C ALA B 7 24.57 1.79 0.57
N ILE B 8 23.71 1.44 1.52
CA ILE B 8 22.27 1.45 1.30
C ILE B 8 21.66 2.47 2.25
N PHE B 9 20.93 3.44 1.68
CA PHE B 9 20.12 4.36 2.46
C PHE B 9 18.68 3.88 2.40
N GLY B 10 17.99 3.94 3.54
CA GLY B 10 16.66 3.34 3.60
C GLY B 10 16.63 1.84 3.81
N ALA B 11 17.67 1.26 4.42
CA ALA B 11 17.75 -0.19 4.54
C ALA B 11 16.72 -0.78 5.51
N THR B 12 16.11 0.04 6.38
CA THR B 12 15.14 -0.51 7.31
C THR B 12 13.72 -0.44 6.76
N GLY B 13 13.54 0.05 5.54
CA GLY B 13 12.22 0.13 4.95
C GLY B 13 11.81 -1.19 4.31
N GLN B 14 10.60 -1.16 3.74
CA GLN B 14 10.02 -2.35 3.14
C GLN B 14 10.94 -2.93 2.07
N THR B 15 11.36 -2.08 1.12
CA THR B 15 12.28 -2.53 0.07
C THR B 15 13.70 -2.63 0.59
N GLY B 16 14.11 -1.68 1.44
CA GLY B 16 15.46 -1.71 1.98
C GLY B 16 15.82 -3.01 2.65
N LEU B 17 14.89 -3.57 3.45
CA LEU B 17 15.23 -4.76 4.21
C LEU B 17 15.55 -5.93 3.30
N THR B 18 14.77 -6.12 2.24
CA THR B 18 15.03 -7.25 1.35
C THR B 18 16.20 -6.97 0.42
N THR B 19 16.40 -5.72 0.00
CA THR B 19 17.61 -5.38 -0.76
C THR B 19 18.84 -5.68 0.07
N LEU B 20 18.81 -5.24 1.34
CA LEU B 20 19.93 -5.52 2.25
C LEU B 20 20.18 -7.01 2.38
N ALA B 21 19.12 -7.79 2.64
CA ALA B 21 19.31 -9.22 2.81
C ALA B 21 19.86 -9.85 1.55
N GLN B 22 19.31 -9.47 0.39
CA GLN B 22 19.79 -10.02 -0.88
C GLN B 22 21.23 -9.61 -1.14
N ALA B 23 21.59 -8.35 -0.82
CA ALA B 23 22.96 -7.89 -1.02
C ALA B 23 23.94 -8.67 -0.14
N VAL B 24 23.56 -8.92 1.11
CA VAL B 24 24.47 -9.63 2.00
C VAL B 24 24.64 -11.07 1.53
N GLN B 25 23.54 -11.72 1.14
CA GLN B 25 23.63 -13.10 0.66
C GLN B 25 24.47 -13.22 -0.60
N ALA B 26 24.42 -12.22 -1.48
CA ALA B 26 25.17 -12.25 -2.74
C ALA B 26 26.65 -11.96 -2.55
N GLY B 27 27.04 -11.40 -1.41
CA GLY B 27 28.44 -11.19 -1.11
C GLY B 27 28.84 -9.73 -1.01
N TYR B 28 27.93 -8.79 -1.20
CA TYR B 28 28.32 -7.39 -1.06
C TYR B 28 28.73 -7.09 0.37
N GLU B 29 29.72 -6.21 0.50
CA GLU B 29 30.07 -5.59 1.79
C GLU B 29 29.20 -4.35 1.93
N VAL B 30 28.22 -4.40 2.83
CA VAL B 30 27.15 -3.40 2.89
C VAL B 30 27.34 -2.52 4.10
N THR B 31 27.30 -1.21 3.88
CA THR B 31 27.21 -0.20 4.93
C THR B 31 25.82 0.41 4.90
N VAL B 32 25.16 0.50 6.06
CA VAL B 32 23.83 1.11 6.12
C VAL B 32 23.87 2.29 7.06
N LEU B 33 23.04 3.30 6.76
CA LEU B 33 22.78 4.43 7.65
C LEU B 33 21.37 4.23 8.20
N VAL B 34 21.27 4.03 9.51
CA VAL B 34 19.97 3.81 10.13
C VAL B 34 19.83 4.78 11.30
N ARG B 35 18.61 5.28 11.51
CA ARG B 35 18.39 6.14 12.66
C ARG B 35 18.25 5.33 13.94
N ASP B 36 17.86 4.06 13.84
CA ASP B 36 17.58 3.20 14.98
C ASP B 36 18.03 1.80 14.62
N SER B 37 19.10 1.32 15.27
CA SER B 37 19.66 0.01 14.90
C SER B 37 18.77 -1.15 15.30
N SER B 38 17.83 -0.96 16.24
CA SER B 38 16.92 -2.04 16.60
C SER B 38 15.92 -2.34 15.50
N ARG B 39 15.87 -1.51 14.45
CA ARG B 39 14.98 -1.73 13.32
C ARG B 39 15.62 -2.63 12.26
N LEU B 40 16.89 -2.99 12.44
CA LEU B 40 17.58 -4.02 11.66
C LEU B 40 17.30 -5.38 12.28
N PRO B 41 17.13 -6.43 11.48
CA PRO B 41 16.90 -7.77 12.04
C PRO B 41 18.11 -8.24 12.84
N SER B 42 17.82 -8.97 13.92
CA SER B 42 18.87 -9.52 14.76
C SER B 42 19.40 -10.85 14.26
N GLU B 43 18.63 -11.53 13.42
CA GLU B 43 18.99 -12.85 12.90
C GLU B 43 19.22 -12.78 11.40
N GLY B 44 19.87 -13.81 10.87
CA GLY B 44 20.05 -13.95 9.44
C GLY B 44 21.09 -13.00 8.86
N PRO B 45 20.94 -12.69 7.58
CA PRO B 45 21.89 -11.77 6.92
C PRO B 45 21.91 -10.41 7.59
N ARG B 46 23.12 -9.94 7.92
CA ARG B 46 23.36 -8.69 8.63
C ARG B 46 24.42 -7.88 7.89
N PRO B 47 24.29 -6.56 7.84
CA PRO B 47 25.27 -5.73 7.12
C PRO B 47 26.65 -5.79 7.74
N ALA B 48 27.66 -5.46 6.94
CA ALA B 48 29.02 -5.43 7.45
C ALA B 48 29.27 -4.21 8.34
N HIS B 49 28.61 -3.08 8.06
CA HIS B 49 28.87 -1.82 8.77
C HIS B 49 27.56 -1.11 9.00
N VAL B 50 27.38 -0.57 10.21
CA VAL B 50 26.17 0.16 10.57
C VAL B 50 26.60 1.52 11.08
N VAL B 51 26.14 2.57 10.39
CA VAL B 51 26.29 3.94 10.86
C VAL B 51 24.94 4.34 11.43
N VAL B 52 24.91 4.79 12.68
CA VAL B 52 23.68 5.25 13.29
C VAL B 52 23.64 6.76 13.12
N GLY B 53 22.62 7.25 12.41
CA GLY B 53 22.56 8.66 12.09
C GLY B 53 21.39 8.95 11.18
N ASP B 54 21.42 10.13 10.57
CA ASP B 54 20.27 10.69 9.88
C ASP B 54 20.71 11.21 8.53
N VAL B 55 19.92 10.92 7.49
CA VAL B 55 20.34 11.34 6.15
C VAL B 55 20.34 12.85 6.02
N LEU B 56 19.67 13.56 6.94
CA LEU B 56 19.67 15.02 6.96
C LEU B 56 20.94 15.61 7.56
N GLN B 57 21.78 14.79 8.16
CA GLN B 57 23.03 15.23 8.78
C GLN B 57 24.19 14.89 7.85
N ALA B 58 24.82 15.93 7.27
CA ALA B 58 25.82 15.70 6.23
C ALA B 58 26.97 14.83 6.73
N ALA B 59 27.36 14.99 8.00
CA ALA B 59 28.49 14.21 8.50
C ALA B 59 28.15 12.72 8.61
N ASP B 60 26.90 12.41 8.95
CA ASP B 60 26.45 11.01 8.98
C ASP B 60 26.47 10.40 7.58
N VAL B 61 26.01 11.17 6.59
CA VAL B 61 26.02 10.69 5.21
C VAL B 61 27.45 10.54 4.71
N ASP B 62 28.32 11.49 5.03
CA ASP B 62 29.70 11.40 4.58
C ASP B 62 30.36 10.13 5.13
N LYS B 63 30.07 9.78 6.39
CA LYS B 63 30.69 8.63 7.01
C LYS B 63 30.16 7.33 6.41
N THR B 64 28.94 7.36 5.89
CA THR B 64 28.33 6.20 5.23
C THR B 64 28.87 6.02 3.81
N VAL B 65 29.08 7.13 3.09
CA VAL B 65 29.48 7.05 1.69
C VAL B 65 30.99 6.78 1.56
N ALA B 66 31.77 7.17 2.56
CA ALA B 66 33.22 7.00 2.51
C ALA B 66 33.58 5.56 2.17
N GLY B 67 34.44 5.41 1.16
CA GLY B 67 34.99 4.11 0.81
C GLY B 67 34.12 3.21 -0.04
N GLN B 68 32.92 3.64 -0.43
CA GLN B 68 32.04 2.75 -1.18
C GLN B 68 32.37 2.76 -2.65
N ASP B 69 31.91 1.72 -3.35
CA ASP B 69 31.93 1.64 -4.81
C ASP B 69 30.65 2.17 -5.45
N ALA B 70 29.53 2.11 -4.73
CA ALA B 70 28.25 2.54 -5.27
C ALA B 70 27.28 2.76 -4.13
N VAL B 71 26.18 3.46 -4.42
CA VAL B 71 25.19 3.85 -3.44
C VAL B 71 23.81 3.45 -3.94
N ILE B 72 23.02 2.82 -3.06
CA ILE B 72 21.62 2.50 -3.31
C ILE B 72 20.76 3.38 -2.41
N VAL B 73 19.78 4.04 -2.99
CA VAL B 73 18.89 4.94 -2.25
C VAL B 73 17.47 4.38 -2.27
N LEU B 74 16.97 4.02 -1.09
CA LEU B 74 15.61 3.50 -0.88
C LEU B 74 14.95 4.27 0.25
N LEU B 75 15.26 5.57 0.33
CA LEU B 75 14.64 6.48 1.28
C LEU B 75 13.17 6.68 0.95
N GLY B 76 12.39 6.94 2.00
CA GLY B 76 10.98 7.24 1.81
C GLY B 76 10.44 7.91 3.06
N THR B 77 9.33 8.63 2.88
CA THR B 77 8.70 9.37 3.97
C THR B 77 7.19 9.10 3.86
N ARG B 78 6.82 7.85 4.16
CA ARG B 78 5.46 7.36 3.94
C ARG B 78 4.42 8.27 4.56
N ASN B 79 4.69 8.77 5.76
CA ASN B 79 3.68 9.50 6.53
C ASN B 79 3.47 10.93 6.07
N ASP B 80 4.36 11.49 5.25
CA ASP B 80 4.23 12.91 4.91
C ASP B 80 3.18 13.10 3.82
N LEU B 81 2.21 13.96 4.09
CA LEU B 81 1.14 14.23 3.16
C LEU B 81 1.07 15.69 2.76
N SER B 82 2.02 16.49 3.21
CA SER B 82 2.11 17.91 2.95
C SER B 82 3.58 18.22 2.70
N PRO B 83 3.89 19.39 2.13
CA PRO B 83 5.26 19.63 1.62
C PRO B 83 6.38 19.15 2.55
N THR B 84 7.34 18.42 1.97
CA THR B 84 8.38 17.75 2.71
C THR B 84 9.62 17.70 1.82
N THR B 85 10.80 17.85 2.42
CA THR B 85 12.03 17.88 1.65
C THR B 85 13.08 16.89 2.15
N VAL B 86 12.66 15.89 2.93
CA VAL B 86 13.64 14.97 3.52
C VAL B 86 14.41 14.23 2.43
N MET B 87 13.70 13.66 1.45
CA MET B 87 14.40 12.87 0.44
C MET B 87 15.33 13.74 -0.41
N SER B 88 14.87 14.92 -0.83
CA SER B 88 15.71 15.72 -1.70
C SER B 88 16.88 16.33 -0.94
N GLU B 89 16.67 16.73 0.30
CA GLU B 89 17.79 17.19 1.12
C GLU B 89 18.76 16.04 1.41
N GLY B 90 18.21 14.85 1.66
CA GLY B 90 19.06 13.67 1.78
C GLY B 90 19.89 13.43 0.53
N ALA B 91 19.25 13.57 -0.65
CA ALA B 91 19.97 13.35 -1.90
C ALA B 91 21.06 14.39 -2.10
N ARG B 92 20.83 15.65 -1.68
CA ARG B 92 21.90 16.63 -1.77
C ARG B 92 23.09 16.21 -0.92
N ASN B 93 22.83 15.72 0.30
CA ASN B 93 23.92 15.26 1.15
C ASN B 93 24.64 14.06 0.55
N ILE B 94 23.88 13.14 -0.04
CA ILE B 94 24.49 11.97 -0.65
C ILE B 94 25.38 12.39 -1.83
N VAL B 95 24.87 13.29 -2.68
CA VAL B 95 25.63 13.70 -3.85
C VAL B 95 26.92 14.39 -3.42
N ALA B 96 26.84 15.28 -2.43
CA ALA B 96 28.04 15.97 -1.96
C ALA B 96 29.06 14.98 -1.40
N ALA B 97 28.59 13.97 -0.66
CA ALA B 97 29.51 12.99 -0.10
C ALA B 97 30.11 12.12 -1.20
N MET B 98 29.30 11.74 -2.19
CA MET B 98 29.82 10.94 -3.29
C MET B 98 30.92 11.70 -4.03
N LYS B 99 30.70 12.99 -4.29
CA LYS B 99 31.72 13.78 -4.97
C LYS B 99 32.99 13.89 -4.14
N ALA B 100 32.85 14.07 -2.82
CA ALA B 100 34.01 14.27 -1.96
C ALA B 100 34.81 12.98 -1.77
N HIS B 101 34.21 11.82 -1.96
CA HIS B 101 34.91 10.56 -1.74
C HIS B 101 35.15 9.79 -3.04
N GLY B 102 34.85 10.38 -4.19
CA GLY B 102 35.12 9.71 -5.45
C GLY B 102 34.23 8.51 -5.72
N VAL B 103 32.99 8.53 -5.28
CA VAL B 103 32.02 7.47 -5.60
C VAL B 103 31.18 7.95 -6.77
N ASP B 104 31.07 7.12 -7.81
CA ASP B 104 30.50 7.58 -9.07
C ASP B 104 29.15 6.99 -9.44
N LYS B 105 28.66 5.97 -8.72
CA LYS B 105 27.49 5.20 -9.15
C LYS B 105 26.40 5.27 -8.09
N VAL B 106 25.21 5.73 -8.47
CA VAL B 106 24.07 5.79 -7.56
C VAL B 106 22.83 5.23 -8.26
N VAL B 107 22.13 4.33 -7.57
CA VAL B 107 20.87 3.76 -8.03
C VAL B 107 19.83 4.16 -7.01
N ALA B 108 18.86 4.98 -7.44
CA ALA B 108 17.93 5.59 -6.51
C ALA B 108 16.49 5.42 -6.94
N CYS B 109 15.64 5.14 -5.95
CA CYS B 109 14.24 4.84 -6.14
C CYS B 109 13.41 6.11 -5.93
N THR B 110 12.60 6.46 -6.93
CA THR B 110 11.55 7.45 -6.75
C THR B 110 10.22 6.76 -7.01
N SER B 111 9.53 7.09 -8.10
CA SER B 111 8.26 6.43 -8.36
C SER B 111 7.84 6.60 -9.82
N ALA B 112 7.01 5.67 -10.28
CA ALA B 112 6.49 5.70 -11.64
C ALA B 112 5.59 6.90 -11.91
N PHE B 113 5.11 7.59 -10.87
CA PHE B 113 4.39 8.84 -11.12
C PHE B 113 5.24 9.83 -11.89
N LEU B 114 6.57 9.71 -11.83
CA LEU B 114 7.42 10.60 -12.59
C LEU B 114 7.39 10.30 -14.08
N LEU B 115 6.84 9.16 -14.49
CA LEU B 115 6.71 8.81 -15.90
C LEU B 115 5.31 9.03 -16.45
N TRP B 116 4.32 9.35 -15.61
CA TRP B 116 2.92 9.42 -15.99
C TRP B 116 2.44 10.87 -15.92
N ASP B 117 1.20 11.09 -16.36
CA ASP B 117 0.63 12.43 -16.28
C ASP B 117 0.48 12.85 -14.82
N PRO B 118 0.75 14.12 -14.49
CA PRO B 118 0.61 14.57 -13.10
C PRO B 118 -0.76 14.31 -12.48
N THR B 119 -1.83 14.30 -13.27
CA THR B 119 -3.14 14.09 -12.63
C THR B 119 -3.34 12.65 -12.19
N LYS B 120 -2.39 11.75 -12.42
CA LYS B 120 -2.51 10.41 -11.87
C LYS B 120 -2.19 10.36 -10.38
N VAL B 121 -1.62 11.42 -9.83
CA VAL B 121 -1.15 11.38 -8.44
C VAL B 121 -2.30 11.66 -7.48
N PRO B 122 -2.62 10.74 -6.58
CA PRO B 122 -3.61 11.02 -5.54
C PRO B 122 -3.19 12.25 -4.76
N PRO B 123 -4.14 13.12 -4.39
CA PRO B 123 -3.77 14.38 -3.72
C PRO B 123 -2.87 14.20 -2.50
N ARG B 124 -3.12 13.14 -1.72
CA ARG B 124 -2.35 12.96 -0.51
C ARG B 124 -0.92 12.52 -0.80
N LEU B 125 -0.63 12.08 -2.04
CA LEU B 125 0.72 11.71 -2.46
C LEU B 125 1.40 12.81 -3.27
N GLN B 126 0.77 13.99 -3.40
CA GLN B 126 1.38 15.03 -4.22
C GLN B 126 2.68 15.52 -3.62
N ALA B 127 2.70 15.72 -2.29
CA ALA B 127 3.88 16.28 -1.64
C ALA B 127 5.08 15.34 -1.74
N VAL B 128 4.88 14.04 -1.47
CA VAL B 128 6.00 13.11 -1.62
C VAL B 128 6.44 13.05 -3.07
N THR B 129 5.47 13.07 -4.00
CA THR B 129 5.82 13.04 -5.42
C THR B 129 6.61 14.29 -5.83
N ASP B 130 6.22 15.48 -5.31
CA ASP B 130 7.00 16.69 -5.60
C ASP B 130 8.44 16.56 -5.09
N ASP B 131 8.62 15.91 -3.92
CA ASP B 131 10.00 15.77 -3.44
C ASP B 131 10.75 14.68 -4.18
N HIS B 132 10.06 13.62 -4.64
CA HIS B 132 10.69 12.69 -5.57
C HIS B 132 11.22 13.42 -6.79
N ILE B 133 10.41 14.31 -7.35
CA ILE B 133 10.84 15.09 -8.51
C ILE B 133 12.07 15.92 -8.16
N ARG B 134 12.06 16.53 -6.97
CA ARG B 134 13.23 17.31 -6.55
C ARG B 134 14.47 16.42 -6.42
N MET B 135 14.30 15.25 -5.82
CA MET B 135 15.44 14.36 -5.63
C MET B 135 15.96 13.86 -6.97
N HIS B 136 15.05 13.54 -7.88
CA HIS B 136 15.45 13.10 -9.23
C HIS B 136 16.29 14.17 -9.93
N LYS B 137 15.88 15.44 -9.81
CA LYS B 137 16.66 16.50 -10.45
C LYS B 137 18.03 16.66 -9.81
N VAL B 138 18.08 16.63 -8.47
CA VAL B 138 19.38 16.68 -7.77
C VAL B 138 20.30 15.60 -8.33
N LEU B 139 19.78 14.38 -8.51
CA LEU B 139 20.64 13.30 -8.97
C LEU B 139 20.98 13.42 -10.45
N ARG B 140 20.02 13.84 -11.28
CA ARG B 140 20.29 14.02 -12.71
C ARG B 140 21.36 15.08 -12.93
N GLU B 141 21.28 16.19 -12.18
CA GLU B 141 22.19 17.30 -12.40
C GLU B 141 23.55 17.07 -11.77
N SER B 142 23.74 15.97 -11.04
CA SER B 142 24.97 15.75 -10.30
C SER B 142 26.15 15.38 -11.19
N GLY B 143 25.90 14.89 -12.40
CA GLY B 143 26.96 14.36 -13.22
C GLY B 143 27.44 12.98 -12.83
N LEU B 144 26.93 12.43 -11.73
CA LEU B 144 27.23 11.06 -11.36
C LEU B 144 26.52 10.08 -12.28
N LYS B 145 27.03 8.85 -12.31
CA LYS B 145 26.35 7.76 -13.01
C LYS B 145 25.11 7.40 -12.20
N TYR B 146 23.93 7.67 -12.75
CA TYR B 146 22.70 7.63 -11.97
C TYR B 146 21.68 6.79 -12.72
N VAL B 147 21.20 5.71 -12.09
CA VAL B 147 20.08 4.93 -12.60
C VAL B 147 18.85 5.33 -11.81
N ALA B 148 17.87 5.90 -12.49
CA ALA B 148 16.62 6.33 -11.85
C ALA B 148 15.64 5.16 -11.91
N VAL B 149 15.31 4.60 -10.75
CA VAL B 149 14.35 3.48 -10.68
C VAL B 149 13.02 4.06 -10.22
N MET B 150 11.98 3.86 -11.04
CA MET B 150 10.68 4.50 -10.86
C MET B 150 9.60 3.42 -10.82
N PRO B 151 9.39 2.80 -9.66
CA PRO B 151 8.50 1.64 -9.59
C PRO B 151 7.05 2.05 -9.46
N PRO B 152 6.14 1.17 -9.87
CA PRO B 152 4.73 1.32 -9.52
C PRO B 152 4.46 0.80 -8.11
N HIS B 153 3.28 0.23 -7.86
CA HIS B 153 2.97 -0.29 -6.54
C HIS B 153 3.99 -1.33 -6.11
N ILE B 154 4.48 -1.22 -4.87
CA ILE B 154 5.43 -2.16 -4.32
C ILE B 154 4.63 -3.21 -3.56
N GLY B 155 4.66 -4.46 -4.05
CA GLY B 155 3.91 -5.55 -3.47
C GLY B 155 4.76 -6.46 -2.61
N ASP B 156 4.11 -7.55 -2.17
CA ASP B 156 4.66 -8.51 -1.21
C ASP B 156 5.02 -9.85 -1.82
N GLN B 157 4.89 -10.02 -3.14
CA GLN B 157 5.02 -11.33 -3.76
C GLN B 157 6.45 -11.87 -3.62
N PRO B 158 6.62 -13.19 -3.64
CA PRO B 158 7.96 -13.76 -3.54
C PRO B 158 8.84 -13.38 -4.72
N LEU B 159 10.13 -13.21 -4.43
CA LEU B 159 11.16 -13.02 -5.44
C LEU B 159 10.98 -13.94 -6.65
N THR B 160 11.00 -13.36 -7.84
CA THR B 160 10.97 -14.13 -9.08
C THR B 160 12.19 -13.94 -9.96
N GLY B 161 12.77 -12.74 -9.99
CA GLY B 161 13.91 -12.48 -10.86
C GLY B 161 13.53 -12.50 -12.32
N ALA B 162 12.23 -12.47 -12.61
CA ALA B 162 11.72 -12.64 -13.96
C ALA B 162 10.90 -11.44 -14.43
N TYR B 163 10.97 -10.33 -13.71
CA TYR B 163 10.22 -9.12 -14.02
C TYR B 163 10.72 -8.48 -15.32
N THR B 164 9.92 -7.57 -15.84
CA THR B 164 10.25 -6.77 -17.01
C THR B 164 10.83 -5.43 -16.57
N VAL B 165 11.84 -4.95 -17.29
CA VAL B 165 12.39 -3.62 -17.08
C VAL B 165 12.24 -2.84 -18.37
N THR B 166 11.48 -1.75 -18.33
CA THR B 166 11.31 -0.88 -19.48
C THR B 166 12.08 0.42 -19.26
N LEU B 167 12.81 0.85 -20.27
CA LEU B 167 13.70 2.01 -20.19
C LEU B 167 13.01 3.23 -20.77
N ASP B 168 12.96 4.30 -19.98
CA ASP B 168 12.40 5.59 -20.40
C ASP B 168 10.95 5.46 -20.84
N GLY B 169 10.19 4.59 -20.19
CA GLY B 169 8.77 4.50 -20.44
C GLY B 169 8.10 3.72 -19.33
N ARG B 170 6.78 3.57 -19.45
CA ARG B 170 6.05 2.66 -18.57
C ARG B 170 6.19 1.24 -19.11
N GLY B 171 5.31 0.33 -18.70
CA GLY B 171 5.44 -1.05 -19.10
C GLY B 171 4.24 -1.89 -18.70
N PRO B 172 4.47 -3.22 -18.54
CA PRO B 172 3.40 -4.20 -18.28
C PRO B 172 2.38 -3.87 -17.18
N SER B 173 2.54 -4.45 -15.99
CA SER B 173 1.56 -4.25 -14.93
C SER B 173 1.90 -2.98 -14.16
N ARG B 174 1.14 -2.74 -13.08
CA ARG B 174 1.41 -1.66 -12.14
C ARG B 174 1.81 -2.19 -10.77
N VAL B 175 2.54 -3.31 -10.73
CA VAL B 175 3.05 -3.86 -9.47
C VAL B 175 4.44 -4.44 -9.69
N ILE B 176 5.33 -4.21 -8.72
CA ILE B 176 6.60 -4.92 -8.62
C ILE B 176 6.72 -5.38 -7.17
N SER B 177 7.11 -6.63 -6.97
CA SER B 177 7.32 -7.11 -5.61
C SER B 177 8.52 -6.39 -5.00
N LYS B 178 8.44 -6.07 -3.69
CA LYS B 178 9.60 -5.47 -3.03
C LYS B 178 10.86 -6.31 -3.24
N HIS B 179 10.71 -7.63 -3.25
CA HIS B 179 11.87 -8.51 -3.47
C HIS B 179 12.42 -8.35 -4.87
N ASP B 180 11.53 -8.26 -5.87
CA ASP B 180 12.02 -8.08 -7.24
C ASP B 180 12.61 -6.69 -7.42
N LEU B 181 12.01 -5.67 -6.80
CA LEU B 181 12.58 -4.33 -6.83
C LEU B 181 13.98 -4.33 -6.22
N GLY B 182 14.16 -5.00 -5.09
CA GLY B 182 15.49 -5.05 -4.50
C GLY B 182 16.48 -5.79 -5.38
N HIS B 183 16.03 -6.90 -5.95
CA HIS B 183 16.81 -7.63 -6.93
C HIS B 183 17.24 -6.73 -8.08
N PHE B 184 16.33 -5.87 -8.57
CA PHE B 184 16.69 -4.99 -9.67
C PHE B 184 17.69 -3.90 -9.25
N MET B 185 17.49 -3.28 -8.07
CA MET B 185 18.49 -2.37 -7.48
C MET B 185 19.90 -2.95 -7.59
N LEU B 186 20.05 -4.21 -7.19
CA LEU B 186 21.37 -4.83 -7.16
C LEU B 186 21.85 -5.17 -8.57
N ARG B 187 20.94 -5.58 -9.47
CA ARG B 187 21.35 -5.83 -10.85
C ARG B 187 21.96 -4.59 -11.49
N CYS B 188 21.46 -3.41 -11.13
CA CYS B 188 21.99 -2.16 -11.70
C CYS B 188 23.43 -1.90 -11.29
N LEU B 189 23.92 -2.58 -10.25
CA LEU B 189 25.31 -2.43 -9.85
C LEU B 189 26.26 -3.20 -10.77
N THR B 190 25.75 -4.14 -11.56
CA THR B 190 26.58 -5.03 -12.37
C THR B 190 26.64 -4.63 -13.84
N THR B 191 26.07 -3.49 -14.22
CA THR B 191 26.02 -3.07 -15.61
C THR B 191 25.93 -1.56 -15.70
N ASP B 192 26.35 -1.03 -16.85
CA ASP B 192 26.19 0.39 -17.19
C ASP B 192 24.99 0.66 -18.08
N GLU B 193 24.22 -0.35 -18.47
CA GLU B 193 23.23 -0.15 -19.53
C GLU B 193 22.08 0.76 -19.10
N TYR B 194 21.84 0.90 -17.80
CA TYR B 194 20.75 1.75 -17.30
C TYR B 194 21.23 3.12 -16.84
N ASP B 195 22.54 3.36 -16.85
CA ASP B 195 23.06 4.67 -16.47
C ASP B 195 22.45 5.75 -17.35
N GLY B 196 21.99 6.83 -16.71
CA GLY B 196 21.40 7.93 -17.45
C GLY B 196 19.99 7.70 -17.93
N HIS B 197 19.37 6.58 -17.57
CA HIS B 197 18.02 6.24 -18.00
C HIS B 197 17.09 6.19 -16.80
N SER B 198 15.79 6.25 -17.09
CA SER B 198 14.75 5.93 -16.14
C SER B 198 14.34 4.48 -16.39
N THR B 199 14.08 3.74 -15.31
CA THR B 199 13.76 2.33 -15.43
C THR B 199 12.45 2.04 -14.73
N TYR B 200 11.60 1.24 -15.35
CA TYR B 200 10.29 0.89 -14.81
C TYR B 200 10.20 -0.61 -14.68
N PRO B 201 10.36 -1.17 -13.48
CA PRO B 201 10.24 -2.62 -13.29
C PRO B 201 8.81 -3.00 -12.91
N SER B 202 8.32 -4.08 -13.52
CA SER B 202 6.98 -4.55 -13.22
C SER B 202 6.89 -6.01 -13.63
N HIS B 203 5.84 -6.67 -13.15
CA HIS B 203 5.67 -8.09 -13.41
C HIS B 203 4.23 -8.50 -13.11
N GLN B 204 3.85 -9.66 -13.64
CA GLN B 204 2.59 -10.32 -13.31
C GLN B 204 2.89 -11.49 -12.38
N TYR B 205 2.28 -11.46 -11.20
CA TYR B 205 2.50 -12.51 -10.21
C TYR B 205 1.29 -13.43 -10.20
N GLN B 206 1.51 -14.67 -10.62
CA GLN B 206 0.44 -15.64 -10.78
C GLN B 206 0.40 -16.60 -9.60
C1 GOL C . -30.58 -16.34 5.16
O1 GOL C . -30.10 -17.60 5.44
C2 GOL C . -30.23 -15.45 6.37
O2 GOL C . -30.55 -14.13 6.15
C3 GOL C . -31.06 -16.00 7.53
O3 GOL C . -31.59 -14.87 8.17
C1 GOL D . -22.62 7.86 20.74
O1 GOL D . -22.32 6.71 21.47
C2 GOL D . -24.07 7.68 20.28
O2 GOL D . -24.97 7.58 21.34
C3 GOL D . -24.36 8.85 19.35
O3 GOL D . -25.52 8.52 18.66
C1 GOL E . -11.82 -11.15 -17.62
O1 GOL E . -12.92 -11.87 -17.17
C2 GOL E . -10.57 -11.98 -17.23
O2 GOL E . -9.72 -12.16 -18.31
C3 GOL E . -9.90 -11.18 -16.08
O3 GOL E . -8.70 -11.81 -15.79
S SO4 F . -23.36 -12.85 -15.45
O1 SO4 F . -24.37 -13.89 -15.63
O2 SO4 F . -23.36 -12.39 -14.06
O3 SO4 F . -23.66 -11.73 -16.34
O4 SO4 F . -22.04 -13.40 -15.78
PA NAP G . -20.22 4.11 -2.14
O1A NAP G . -19.17 4.72 -3.07
O2A NAP G . -21.68 4.25 -2.56
O5B NAP G . -20.09 4.64 -0.58
C5B NAP G . -18.82 5.07 -0.12
C4B NAP G . -18.94 5.16 1.40
O4B NAP G . -17.74 5.53 1.90
C3B NAP G . -19.94 6.30 1.77
O3B NAP G . -20.64 5.93 2.89
C2B NAP G . -18.94 7.43 2.04
O2B NAP G . -19.56 8.49 2.89
C1B NAP G . -17.95 6.82 2.75
N9A NAP G . -16.74 7.59 2.68
C8A NAP G . -16.03 8.06 1.64
N7A NAP G . -14.99 8.80 2.10
C5A NAP G . -15.07 8.78 3.44
C6A NAP G . -14.25 9.39 4.38
N6A NAP G . -13.10 10.19 4.23
N1A NAP G . -14.51 9.26 5.68
C2A NAP G . -15.58 8.52 6.09
N3A NAP G . -16.40 7.91 5.16
C4A NAP G . -16.12 8.04 3.83
O3 NAP G . -19.86 2.52 -1.92
PN NAP G . -20.38 1.23 -2.75
O1N NAP G . -21.00 1.61 -4.06
O2N NAP G . -21.24 0.50 -1.80
O5D NAP G . -18.97 0.43 -3.00
C5D NAP G . -18.31 -0.20 -1.91
C4D NAP G . -16.92 -0.61 -2.42
O4D NAP G . -17.10 -1.51 -3.40
C3D NAP G . -16.17 0.58 -3.03
O3D NAP G . -14.86 0.61 -2.57
C2D NAP G . -16.26 0.29 -4.56
O2D NAP G . -15.13 0.91 -5.25
C1D NAP G . -16.17 -1.04 -4.60
N1N NAP G . -16.76 -1.71 -5.73
C2N NAP G . -17.85 -1.23 -6.40
C3N NAP G . -18.40 -1.99 -7.48
C7N NAP G . -19.58 -1.47 -8.24
O7N NAP G . -20.10 -2.13 -9.12
N7N NAP G . -20.10 -0.14 -7.96
C4N NAP G . -17.86 -3.19 -7.82
C5N NAP G . -16.79 -3.67 -7.12
C6N NAP G . -16.25 -2.92 -6.07
P2B NAP G . -20.27 9.85 2.27
O1X NAP G . -21.77 9.68 2.35
O2X NAP G . -19.82 10.97 3.17
O3X NAP G . -19.82 10.08 0.83
C10 VE2 H . -15.30 -7.32 -11.74
C11 VE2 H . -16.31 -7.46 -12.67
C13 VE2 H . -17.19 -6.43 -12.91
C14 VE2 H . -18.27 -6.69 -13.95
C17 VE2 H . -17.07 -5.22 -12.22
C18 VE2 H . -15.32 -1.30 -9.22
C02 VE2 H . -17.95 1.95 -10.20
C03 VE2 H . -17.00 0.81 -9.84
C04 VE2 H . -17.12 -0.37 -10.50
C05 VE2 H . -16.28 -1.42 -10.21
C06 VE2 H . -16.49 -2.71 -11.01
C07 VE2 H . -15.86 -3.76 -10.49
C08 VE2 H . -16.04 -5.08 -11.29
C09 VE2 H . -15.16 -6.12 -11.05
C19 VE2 H . -15.19 -0.08 -8.54
C20 VE2 H . -16.04 0.97 -8.85
O01 VE2 H . -18.85 1.74 -11.04
O12 VE2 H . -16.48 -8.65 -13.39
O15 VE2 H . -19.19 -5.85 -14.14
O16 VE2 H . -18.25 -7.77 -14.60
O21 VE2 H . -15.98 2.19 -8.20
O22 VE2 H . -17.82 3.09 -9.68
C1 GOL I . -0.62 -8.12 -3.71
O1 GOL I . -1.21 -8.03 -2.44
C2 GOL I . 0.69 -7.38 -3.59
O2 GOL I . 0.80 -6.58 -4.70
C3 GOL I . 0.50 -6.55 -2.45
O3 GOL I . 0.09 -5.41 -3.01
PA NAP J . 9.76 2.79 3.43
O1A NAP J . 9.29 1.40 3.94
O2A NAP J . 8.73 3.88 3.68
O5B NAP J . 11.23 3.12 4.14
C5B NAP J . 11.73 4.43 4.12
C4B NAP J . 13.22 4.28 4.48
O4B NAP J . 13.78 5.50 4.47
C3B NAP J . 13.37 3.72 5.92
O3B NAP J . 14.49 2.94 6.03
C2B NAP J . 13.57 5.04 6.68
O2B NAP J . 14.21 4.84 8.02
C1B NAP J . 14.39 5.73 5.91
N9A NAP J . 14.29 7.12 6.25
C8A NAP J . 13.28 8.00 6.24
N7A NAP J . 13.75 9.18 6.71
C5A NAP J . 15.06 9.01 7.00
C6A NAP J . 15.98 9.90 7.49
N6A NAP J . 15.84 11.26 7.86
N1A NAP J . 17.25 9.50 7.71
C2A NAP J . 17.62 8.23 7.43
N3A NAP J . 16.70 7.33 6.93
C4A NAP J . 15.41 7.75 6.73
O3 NAP J . 10.17 2.73 1.83
PN NAP J . 9.52 1.81 0.66
O1N NAP J . 8.09 1.51 0.98
O2N NAP J . 10.34 0.59 0.46
O5D NAP J . 9.60 2.81 -0.64
C5D NAP J . 10.88 3.11 -1.18
C4D NAP J . 10.66 4.30 -2.14
O4D NAP J . 9.78 3.89 -3.04
C3D NAP J . 9.99 5.46 -1.40
O3D NAP J . 10.65 6.61 -1.71
C2D NAP J . 8.52 5.43 -1.95
O2D NAP J . 7.90 6.77 -1.86
C1D NAP J . 8.67 5.02 -3.18
N1N NAP J . 7.53 4.30 -3.72
C2N NAP J . 6.75 3.54 -2.93
C3N NAP J . 5.66 2.85 -3.49
C7N NAP J . 4.75 2.00 -2.65
O7N NAP J . 4.75 2.01 -1.45
N7N NAP J . 3.82 1.15 -3.37
C4N NAP J . 5.43 2.92 -4.83
C5N NAP J . 6.23 3.68 -5.63
C6N NAP J . 7.30 4.36 -5.06
P2B NAP J . 13.32 4.44 9.37
O1X NAP J . 14.15 4.91 10.53
O2X NAP J . 12.00 5.20 9.32
O3X NAP J . 13.06 2.94 9.45
C10 VE2 K . 5.02 7.55 -2.20
C11 VE2 K . 4.61 7.22 -0.92
C13 VE2 K . 3.70 6.18 -0.73
C14 VE2 K . 3.23 5.83 0.66
C17 VE2 K . 3.19 5.49 -1.81
C18 VE2 K . 3.26 5.19 -7.93
C02 VE2 K . 0.26 2.18 -7.36
C03 VE2 K . 1.33 3.26 -7.55
C04 VE2 K . 1.82 3.93 -6.46
C05 VE2 K . 2.80 4.91 -6.66
C06 VE2 K . 3.35 5.64 -5.44
C07 VE2 K . 3.03 5.04 -4.30
C08 VE2 K . 3.61 5.82 -3.09
C09 VE2 K . 4.52 6.85 -3.28
C19 VE2 K . 2.76 4.51 -9.03
C20 VE2 K . 1.79 3.54 -8.82
O01 VE2 K . -0.17 1.57 -8.38
O12 VE2 K . 5.12 7.92 0.20
O15 VE2 K . 3.33 6.72 1.56
O16 VE2 K . 2.76 4.69 0.91
O21 VE2 K . 1.24 2.82 -9.88
O22 VE2 K . -0.18 1.91 -6.21
#